data_8PO0
#
_entry.id   8PO0
#
_cell.length_a   150.769
_cell.length_b   150.769
_cell.length_c   150.769
_cell.angle_alpha   90.00
_cell.angle_beta   90.00
_cell.angle_gamma   90.00
#
_symmetry.space_group_name_H-M   'I 2 3'
#
loop_
_entity.id
_entity.type
_entity.pdbx_description
1 polymer 'Epidermal growth factor receptor'
2 non-polymer 1-[3-[7-methoxy-4-[3-(3-methoxyphenyl)-1~{H}-pyrazol-4-yl]quinazolin-6-yl]oxyazetidin-1-yl]propan-1-one
3 water water
#
_entity_poly.entity_id   1
_entity_poly.type   'polypeptide(L)'
_entity_poly.pdbx_seq_one_letter_code
;GSGEAPNQALLRILKETEFKKIKVLGSGAFGTVYKGLWIPEGEKVKIPVAIKELREATSPKANKEILDEAYVMASVDNPG
NPHVCRLLGICLTSTVQLITQLMPFGCLLDYVREHKDNIGSQYLLNWCVQIAKGMNYLEDRRLVHRDLAARNVLVKTPQH
VKITDFGLAKLLGAEEKEYHAEGGKVPIKWMALESILHRIYTHQSDVWSYGVTVWELMTFGSKPYDGIPASEISSILEKG
ERLPQPPICTIDVYMIMVKCWMIDADSRPKFRELIIEFSKMARDPQRYLVIQGDERMHLPSPTDSNFYRALMDEEDMDDV
VDADEYLIPQQG
;
_entity_poly.pdbx_strand_id   A
#
loop_
_chem_comp.id
_chem_comp.type
_chem_comp.name
_chem_comp.formula
2I6 non-polymer 1-[3-[7-methoxy-4-[3-(3-methoxyphenyl)-1~{H}-pyrazol-4-yl]quinazolin-6-yl]oxyazetidin-1-yl]propan-1-one 'C25 H25 N5 O4'
#
# COMPACT_ATOMS: atom_id res chain seq x y z
N SER A 2 10.47 -11.36 -27.13
CA SER A 2 9.36 -11.57 -28.07
C SER A 2 8.17 -12.22 -27.40
N GLY A 3 8.41 -13.24 -26.59
CA GLY A 3 7.34 -13.96 -25.89
C GLY A 3 6.82 -13.21 -24.70
N GLU A 4 6.08 -12.11 -24.94
CA GLU A 4 5.51 -11.29 -23.89
C GLU A 4 4.00 -11.07 -24.11
N ALA A 5 3.30 -10.57 -23.09
CA ALA A 5 1.87 -10.35 -23.17
C ALA A 5 1.53 -8.91 -23.51
N PRO A 6 0.72 -8.70 -24.57
CA PRO A 6 0.32 -7.33 -24.93
C PRO A 6 -0.47 -6.60 -23.83
N ASN A 7 -0.04 -5.38 -23.51
CA ASN A 7 -0.67 -4.57 -22.47
C ASN A 7 -1.98 -4.00 -22.99
N GLN A 8 -3.09 -4.67 -22.72
CA GLN A 8 -4.39 -4.26 -23.24
C GLN A 8 -5.20 -3.41 -22.29
N ALA A 9 -4.53 -2.48 -21.63
CA ALA A 9 -5.16 -1.56 -20.70
C ALA A 9 -6.00 -0.52 -21.45
N LEU A 10 -7.00 0.09 -20.77
CA LEU A 10 -7.86 1.05 -21.44
C LEU A 10 -7.89 2.45 -20.78
N LEU A 11 -7.16 3.40 -21.38
CA LEU A 11 -7.16 4.79 -20.94
C LEU A 11 -8.46 5.49 -21.40
N ARG A 12 -8.96 6.43 -20.59
CA ARG A 12 -10.16 7.16 -20.93
C ARG A 12 -9.93 8.66 -20.86
N ILE A 13 -10.52 9.41 -21.79
CA ILE A 13 -10.36 10.86 -21.82
C ILE A 13 -11.69 11.48 -21.43
N LEU A 14 -11.62 12.53 -20.60
CA LEU A 14 -12.79 13.21 -20.06
C LEU A 14 -12.67 14.75 -20.19
N LYS A 15 -13.80 15.50 -20.07
CA LYS A 15 -13.84 16.96 -20.24
C LYS A 15 -13.80 17.75 -18.93
N GLU A 16 -13.07 18.89 -18.89
CA GLU A 16 -13.03 19.73 -17.68
C GLU A 16 -14.39 20.40 -17.36
N THR A 17 -15.32 20.40 -18.32
CA THR A 17 -16.68 20.89 -18.13
C THR A 17 -17.54 19.81 -17.43
N GLU A 18 -17.18 18.50 -17.59
CA GLU A 18 -17.82 17.33 -16.99
C GLU A 18 -17.38 17.05 -15.52
N PHE A 19 -16.62 17.98 -14.91
CA PHE A 19 -16.19 17.90 -13.52
C PHE A 19 -16.61 19.17 -12.79
N LYS A 20 -17.01 19.02 -11.53
CA LYS A 20 -17.43 20.16 -10.73
C LYS A 20 -16.60 20.16 -9.45
N LYS A 21 -15.31 20.50 -9.59
CA LYS A 21 -14.30 20.58 -8.53
C LYS A 21 -14.80 21.39 -7.31
N ILE A 22 -14.71 20.81 -6.10
CA ILE A 22 -15.25 21.47 -4.91
C ILE A 22 -14.17 22.03 -3.93
N LYS A 23 -13.31 21.19 -3.36
CA LYS A 23 -12.35 21.64 -2.35
C LYS A 23 -10.90 21.33 -2.75
N VAL A 24 -9.91 21.83 -1.97
CA VAL A 24 -8.50 21.56 -2.22
C VAL A 24 -7.96 20.55 -1.21
N LEU A 25 -7.58 19.37 -1.69
CA LEU A 25 -7.04 18.32 -0.83
C LEU A 25 -5.55 18.52 -0.61
N GLY A 26 -4.80 18.71 -1.69
CA GLY A 26 -3.37 18.90 -1.60
C GLY A 26 -2.82 19.97 -2.50
N SER A 27 -1.57 20.38 -2.22
CA SER A 27 -0.84 21.41 -2.96
C SER A 27 0.65 21.02 -3.04
N GLY A 28 0.91 19.73 -3.31
CA GLY A 28 2.24 19.15 -3.37
C GLY A 28 3.28 19.85 -4.24
N ALA A 29 4.53 19.38 -4.17
CA ALA A 29 5.62 19.95 -4.95
C ALA A 29 5.72 19.23 -6.30
N PHE A 30 4.62 19.24 -7.06
CA PHE A 30 4.49 18.61 -8.37
C PHE A 30 3.22 19.20 -9.01
N GLY A 31 2.08 18.99 -8.35
CA GLY A 31 0.78 19.45 -8.80
C GLY A 31 -0.14 19.76 -7.64
N THR A 32 -1.43 19.43 -7.80
CA THR A 32 -2.43 19.70 -6.76
C THR A 32 -3.61 18.74 -6.87
N VAL A 33 -4.05 18.18 -5.72
CA VAL A 33 -5.16 17.25 -5.68
C VAL A 33 -6.43 17.92 -5.16
N TYR A 34 -7.59 17.66 -5.79
CA TYR A 34 -8.83 18.32 -5.39
C TYR A 34 -9.97 17.36 -5.03
N LYS A 35 -11.00 17.85 -4.35
CA LYS A 35 -12.16 17.07 -3.98
C LYS A 35 -13.22 17.30 -5.05
N GLY A 36 -13.05 16.66 -6.19
CA GLY A 36 -13.97 16.82 -7.30
C GLY A 36 -15.19 15.93 -7.26
N LEU A 37 -16.02 16.05 -8.29
CA LEU A 37 -17.22 15.26 -8.48
C LEU A 37 -17.47 15.10 -9.99
N TRP A 38 -17.57 13.86 -10.46
CA TRP A 38 -17.76 13.59 -11.88
C TRP A 38 -19.23 13.32 -12.30
N ILE A 39 -19.82 14.23 -13.09
CA ILE A 39 -21.19 14.03 -13.59
C ILE A 39 -21.17 13.74 -15.10
N PRO A 40 -21.16 12.46 -15.52
CA PRO A 40 -21.10 12.17 -16.97
C PRO A 40 -22.33 12.58 -17.80
N GLU A 41 -22.15 12.72 -19.12
CA GLU A 41 -23.22 13.13 -20.05
C GLU A 41 -24.19 12.00 -20.32
N GLY A 42 -25.46 12.30 -20.11
CA GLY A 42 -26.54 11.33 -20.31
C GLY A 42 -26.98 10.76 -18.99
N GLU A 43 -26.13 9.86 -18.44
CA GLU A 43 -26.29 9.11 -17.18
C GLU A 43 -26.82 9.97 -16.04
N LYS A 44 -27.63 9.38 -15.15
CA LYS A 44 -28.13 10.11 -13.98
C LYS A 44 -27.21 9.75 -12.81
N VAL A 45 -25.93 10.14 -12.89
CA VAL A 45 -24.95 9.74 -11.87
C VAL A 45 -24.09 10.90 -11.38
N LYS A 46 -23.49 10.75 -10.17
CA LYS A 46 -22.57 11.71 -9.56
C LYS A 46 -21.49 10.91 -8.84
N ILE A 47 -20.25 10.93 -9.32
CA ILE A 47 -19.18 10.12 -8.73
C ILE A 47 -18.12 10.94 -8.03
N PRO A 48 -17.88 10.70 -6.74
CA PRO A 48 -16.82 11.46 -6.03
C PRO A 48 -15.42 11.11 -6.54
N VAL A 49 -14.66 12.12 -7.03
CA VAL A 49 -13.33 11.92 -7.61
C VAL A 49 -12.22 12.81 -6.98
N ALA A 50 -10.95 12.45 -7.22
CA ALA A 50 -9.77 13.22 -6.81
C ALA A 50 -9.03 13.67 -8.10
N ILE A 51 -8.59 14.93 -8.16
CA ILE A 51 -8.01 15.51 -9.36
C ILE A 51 -6.57 16.05 -9.22
N LYS A 52 -5.60 15.41 -9.89
CA LYS A 52 -4.22 15.91 -9.90
C LYS A 52 -4.00 16.89 -11.08
N GLU A 53 -2.97 17.73 -11.01
CA GLU A 53 -2.68 18.71 -12.07
C GLU A 53 -1.25 18.53 -12.61
N LYS A 61 7.00 18.33 -16.96
CA LYS A 61 6.76 19.71 -17.35
C LYS A 61 8.05 20.40 -17.79
N ALA A 62 9.16 20.19 -17.05
CA ALA A 62 10.45 20.83 -17.38
C ALA A 62 11.26 20.05 -18.46
N ASN A 63 11.60 18.75 -18.21
CA ASN A 63 12.32 17.92 -19.18
C ASN A 63 11.35 16.92 -19.83
N LYS A 64 10.83 15.93 -19.05
CA LYS A 64 9.91 14.93 -19.57
C LYS A 64 8.46 15.19 -19.14
N GLU A 65 7.49 14.53 -19.80
CA GLU A 65 6.07 14.71 -19.52
C GLU A 65 5.57 13.68 -18.52
N ILE A 66 4.57 14.07 -17.73
CA ILE A 66 3.98 13.15 -16.77
C ILE A 66 2.88 12.32 -17.43
N LEU A 67 3.15 11.04 -17.55
CA LEU A 67 2.26 10.05 -18.15
C LEU A 67 2.64 8.65 -17.67
N ASP A 68 3.95 8.43 -17.37
CA ASP A 68 4.49 7.18 -16.82
C ASP A 68 3.72 6.82 -15.52
N GLU A 69 3.34 7.86 -14.74
CA GLU A 69 2.55 7.80 -13.51
C GLU A 69 1.24 7.09 -13.81
N ALA A 70 0.58 7.46 -14.90
CA ALA A 70 -0.69 6.89 -15.30
C ALA A 70 -0.59 5.60 -16.13
N TYR A 71 0.57 5.32 -16.71
CA TYR A 71 0.73 4.12 -17.55
C TYR A 71 0.61 2.82 -16.73
N VAL A 72 1.30 2.76 -15.59
CA VAL A 72 1.22 1.58 -14.72
C VAL A 72 -0.11 1.55 -13.95
N MET A 73 -0.63 2.74 -13.59
CA MET A 73 -1.89 2.96 -12.91
C MET A 73 -3.11 2.67 -13.79
N ALA A 74 -2.93 1.89 -14.87
CA ALA A 74 -3.98 1.50 -15.78
C ALA A 74 -3.73 0.10 -16.35
N SER A 75 -2.46 -0.35 -16.39
CA SER A 75 -2.10 -1.71 -16.85
C SER A 75 -2.51 -2.76 -15.80
N VAL A 76 -2.37 -2.40 -14.51
CA VAL A 76 -2.80 -3.24 -13.40
C VAL A 76 -4.35 -3.22 -13.30
N ASP A 77 -5.03 -2.19 -13.86
CA ASP A 77 -6.47 -2.08 -13.80
C ASP A 77 -7.21 -3.00 -14.72
N ASN A 78 -6.52 -3.95 -15.41
CA ASN A 78 -7.21 -4.87 -16.32
C ASN A 78 -8.10 -5.78 -15.48
N PRO A 79 -7.61 -6.81 -14.76
CA PRO A 79 -8.48 -7.45 -13.75
C PRO A 79 -8.51 -6.49 -12.54
N GLY A 80 -9.58 -6.54 -11.75
CA GLY A 80 -9.72 -5.61 -10.65
C GLY A 80 -9.50 -6.04 -9.21
N ASN A 81 -8.40 -5.53 -8.58
CA ASN A 81 -8.23 -5.76 -7.14
C ASN A 81 -8.91 -4.66 -6.33
N PRO A 82 -9.78 -5.05 -5.37
CA PRO A 82 -10.50 -4.02 -4.60
C PRO A 82 -9.66 -3.28 -3.58
N HIS A 83 -8.36 -3.57 -3.44
CA HIS A 83 -7.50 -2.85 -2.50
C HIS A 83 -6.26 -2.29 -3.17
N VAL A 84 -6.43 -1.80 -4.40
CA VAL A 84 -5.42 -1.16 -5.21
C VAL A 84 -6.12 0.03 -5.85
N CYS A 85 -5.75 1.27 -5.51
CA CYS A 85 -6.36 2.48 -6.04
C CYS A 85 -6.34 2.50 -7.59
N ARG A 86 -7.47 2.86 -8.23
CA ARG A 86 -7.55 2.86 -9.71
C ARG A 86 -7.77 4.26 -10.34
N LEU A 87 -7.28 4.42 -11.58
CA LEU A 87 -7.41 5.67 -12.35
C LEU A 87 -8.61 5.53 -13.27
N LEU A 88 -9.50 6.51 -13.23
CA LEU A 88 -10.70 6.48 -14.05
C LEU A 88 -10.36 6.93 -15.48
N GLY A 89 -9.57 8.01 -15.58
CA GLY A 89 -9.12 8.57 -16.84
C GLY A 89 -8.35 9.86 -16.65
N ILE A 90 -8.25 10.64 -17.73
CA ILE A 90 -7.50 11.90 -17.72
C ILE A 90 -8.20 12.99 -18.53
N CYS A 91 -7.88 14.25 -18.24
CA CYS A 91 -8.42 15.40 -18.96
C CYS A 91 -7.25 16.17 -19.59
N LEU A 92 -7.38 16.54 -20.89
CA LEU A 92 -6.27 17.17 -21.59
C LEU A 92 -6.41 18.68 -21.83
N THR A 93 -6.64 19.46 -20.77
CA THR A 93 -6.63 20.92 -20.89
C THR A 93 -5.14 21.38 -21.04
N SER A 94 -4.83 22.71 -21.05
CA SER A 94 -3.43 23.16 -21.16
C SER A 94 -2.61 22.57 -19.99
N THR A 95 -3.19 22.64 -18.78
CA THR A 95 -2.70 22.05 -17.54
C THR A 95 -3.55 20.77 -17.35
N VAL A 96 -3.00 19.60 -17.74
CA VAL A 96 -3.66 18.27 -17.72
C VAL A 96 -4.15 17.82 -16.30
N GLN A 97 -5.29 17.09 -16.28
CA GLN A 97 -5.92 16.62 -15.05
C GLN A 97 -6.02 15.09 -14.92
N LEU A 98 -5.37 14.52 -13.88
CA LEU A 98 -5.43 13.08 -13.58
C LEU A 98 -6.62 12.84 -12.65
N ILE A 99 -7.54 11.94 -13.00
CA ILE A 99 -8.78 11.73 -12.23
C ILE A 99 -8.99 10.31 -11.64
N THR A 100 -8.88 10.16 -10.30
CA THR A 100 -9.12 8.87 -9.62
C THR A 100 -10.41 8.90 -8.76
N GLN A 101 -10.85 7.73 -8.25
CA GLN A 101 -11.99 7.59 -7.35
C GLN A 101 -11.57 8.17 -5.98
N LEU A 102 -12.51 8.84 -5.30
CA LEU A 102 -12.22 9.47 -4.03
C LEU A 102 -12.23 8.49 -2.82
N MET A 103 -11.21 8.60 -1.96
CA MET A 103 -10.99 7.83 -0.75
C MET A 103 -11.03 8.87 0.35
N PRO A 104 -12.25 9.17 0.87
CA PRO A 104 -12.45 10.31 1.76
C PRO A 104 -11.68 10.48 3.08
N PHE A 105 -11.05 9.43 3.61
CA PHE A 105 -10.38 9.55 4.92
C PHE A 105 -8.88 9.81 4.83
N GLY A 106 -8.39 10.17 3.64
CA GLY A 106 -7.00 10.54 3.43
C GLY A 106 -6.06 9.38 3.49
N CYS A 107 -4.76 9.64 3.79
CA CYS A 107 -3.82 8.56 3.90
C CYS A 107 -3.94 7.82 5.26
N LEU A 108 -3.45 6.54 5.30
CA LEU A 108 -3.56 5.73 6.51
C LEU A 108 -2.60 6.19 7.60
N LEU A 109 -1.50 6.87 7.26
CA LEU A 109 -0.53 7.42 8.23
C LEU A 109 -1.19 8.56 9.06
N ASP A 110 -2.14 9.29 8.47
CA ASP A 110 -2.93 10.34 9.15
C ASP A 110 -4.18 9.76 9.87
N TYR A 111 -4.45 8.47 9.70
CA TYR A 111 -5.61 7.83 10.31
C TYR A 111 -5.22 7.13 11.63
N VAL A 112 -3.96 6.70 11.72
CA VAL A 112 -3.36 6.09 12.89
C VAL A 112 -2.70 7.12 13.85
N ARG A 113 -2.70 8.41 13.45
CA ARG A 113 -2.21 9.54 14.21
C ARG A 113 -3.40 10.43 14.67
N GLU A 114 -4.49 10.50 13.87
CA GLU A 114 -5.65 11.29 14.28
C GLU A 114 -6.61 10.41 15.06
N HIS A 115 -6.92 9.22 14.54
CA HIS A 115 -7.85 8.33 15.21
C HIS A 115 -7.17 7.28 16.12
N LYS A 116 -5.87 7.47 16.38
CA LYS A 116 -4.97 6.67 17.22
C LYS A 116 -5.61 6.06 18.48
N ASP A 117 -6.52 6.78 19.14
CA ASP A 117 -7.12 6.31 20.38
C ASP A 117 -8.37 5.42 20.22
N ASN A 118 -8.90 5.22 19.00
CA ASN A 118 -10.09 4.37 18.83
C ASN A 118 -9.91 3.22 17.84
N ILE A 119 -8.68 2.78 17.67
CA ILE A 119 -8.32 1.73 16.73
C ILE A 119 -8.34 0.36 17.38
N GLY A 120 -9.40 -0.41 17.09
CA GLY A 120 -9.55 -1.77 17.58
C GLY A 120 -8.52 -2.72 17.00
N SER A 121 -8.36 -3.90 17.61
CA SER A 121 -7.43 -4.93 17.13
C SER A 121 -7.89 -5.49 15.79
N GLN A 122 -9.22 -5.58 15.61
CA GLN A 122 -9.85 -6.04 14.39
C GLN A 122 -9.43 -5.09 13.24
N TYR A 123 -9.66 -3.76 13.40
CA TYR A 123 -9.34 -2.74 12.41
C TYR A 123 -7.90 -2.80 11.98
N LEU A 124 -6.98 -2.97 12.91
CA LEU A 124 -5.56 -3.10 12.57
C LEU A 124 -5.30 -4.36 11.71
N LEU A 125 -5.40 -5.60 12.27
CA LEU A 125 -5.14 -6.87 11.54
C LEU A 125 -5.84 -6.99 10.18
N ASN A 126 -7.01 -6.35 10.03
CA ASN A 126 -7.73 -6.34 8.76
C ASN A 126 -6.98 -5.51 7.74
N TRP A 127 -6.57 -4.28 8.10
CA TRP A 127 -5.81 -3.43 7.16
C TRP A 127 -4.55 -4.12 6.65
N CYS A 128 -3.96 -4.99 7.45
CA CYS A 128 -2.77 -5.77 7.12
C CYS A 128 -3.05 -6.96 6.18
N VAL A 129 -4.30 -7.39 6.08
CA VAL A 129 -4.77 -8.47 5.21
C VAL A 129 -5.05 -7.85 3.83
N GLN A 130 -5.76 -6.71 3.82
CA GLN A 130 -6.09 -5.89 2.66
C GLN A 130 -4.81 -5.45 1.94
N ILE A 131 -3.79 -4.97 2.68
CA ILE A 131 -2.55 -4.51 2.05
C ILE A 131 -1.78 -5.66 1.45
N ALA A 132 -1.79 -6.82 2.08
CA ALA A 132 -1.14 -8.01 1.53
C ALA A 132 -1.97 -8.60 0.36
N LYS A 133 -3.30 -8.35 0.31
CA LYS A 133 -4.18 -8.85 -0.76
C LYS A 133 -3.92 -8.03 -2.04
N GLY A 134 -3.86 -6.70 -1.88
CA GLY A 134 -3.56 -5.76 -2.94
C GLY A 134 -2.10 -5.86 -3.36
N MET A 135 -1.21 -6.19 -2.42
CA MET A 135 0.22 -6.38 -2.71
C MET A 135 0.50 -7.75 -3.31
N ASN A 136 -0.40 -8.71 -3.13
CA ASN A 136 -0.28 -10.02 -3.77
C ASN A 136 -0.67 -9.84 -5.22
N TYR A 137 -1.70 -9.02 -5.49
CA TYR A 137 -2.19 -8.75 -6.82
C TYR A 137 -1.14 -8.06 -7.68
N LEU A 138 -0.40 -7.07 -7.13
CA LEU A 138 0.66 -6.39 -7.87
C LEU A 138 1.82 -7.37 -8.24
N GLU A 139 2.04 -8.40 -7.43
CA GLU A 139 3.06 -9.42 -7.66
C GLU A 139 2.60 -10.35 -8.79
N ASP A 140 1.28 -10.66 -8.87
CA ASP A 140 0.63 -11.48 -9.90
C ASP A 140 0.67 -10.80 -11.32
N ARG A 141 0.89 -9.49 -11.36
CA ARG A 141 1.05 -8.73 -12.61
C ARG A 141 2.55 -8.43 -12.84
N ARG A 142 3.44 -9.17 -12.15
CA ARG A 142 4.89 -9.05 -12.17
C ARG A 142 5.39 -7.64 -11.89
N LEU A 143 4.64 -6.83 -11.13
CA LEU A 143 5.02 -5.44 -10.81
C LEU A 143 5.56 -5.22 -9.38
N VAL A 144 6.60 -4.39 -9.24
CA VAL A 144 7.27 -4.02 -7.99
C VAL A 144 6.99 -2.54 -7.66
N HIS A 145 6.11 -2.29 -6.67
CA HIS A 145 5.66 -0.97 -6.20
C HIS A 145 6.79 0.01 -5.77
N ARG A 146 7.84 -0.52 -5.14
CA ARG A 146 9.03 0.20 -4.66
C ARG A 146 8.76 1.36 -3.66
N ASP A 147 7.53 1.53 -3.19
CA ASP A 147 7.23 2.56 -2.21
C ASP A 147 6.04 2.17 -1.34
N LEU A 148 6.13 0.99 -0.70
CA LEU A 148 5.07 0.55 0.22
C LEU A 148 5.33 1.23 1.57
N ALA A 149 4.40 2.11 1.98
CA ALA A 149 4.47 2.89 3.22
C ALA A 149 3.04 3.19 3.72
N ALA A 150 2.87 3.69 4.97
CA ALA A 150 1.51 3.98 5.47
C ALA A 150 0.89 5.11 4.67
N ARG A 151 1.69 6.16 4.37
CA ARG A 151 1.32 7.32 3.54
C ARG A 151 0.78 6.94 2.13
N ASN A 152 1.25 5.83 1.51
CA ASN A 152 0.76 5.44 0.18
C ASN A 152 -0.44 4.45 0.22
N VAL A 153 -1.35 4.62 1.21
CA VAL A 153 -2.55 3.80 1.38
C VAL A 153 -3.68 4.77 1.72
N LEU A 154 -4.85 4.70 1.03
CA LEU A 154 -5.93 5.62 1.34
C LEU A 154 -7.14 4.92 1.97
N VAL A 155 -8.03 5.71 2.58
CA VAL A 155 -9.15 5.16 3.30
C VAL A 155 -10.48 5.41 2.60
N LYS A 156 -11.03 4.39 1.86
CA LYS A 156 -12.32 4.53 1.17
C LYS A 156 -13.41 4.64 2.23
N THR A 157 -13.40 3.67 3.18
CA THR A 157 -14.16 3.61 4.44
C THR A 157 -13.19 3.11 5.54
N PRO A 158 -13.41 3.34 6.85
CA PRO A 158 -12.47 2.82 7.87
C PRO A 158 -12.16 1.30 7.79
N GLN A 159 -13.06 0.57 7.12
CA GLN A 159 -13.07 -0.85 6.83
C GLN A 159 -12.42 -1.21 5.46
N HIS A 160 -12.53 -0.32 4.46
CA HIS A 160 -12.01 -0.55 3.12
C HIS A 160 -10.84 0.39 2.75
N VAL A 161 -9.60 -0.10 2.75
CA VAL A 161 -8.44 0.72 2.37
C VAL A 161 -7.81 0.24 1.01
N LYS A 162 -7.17 1.13 0.22
CA LYS A 162 -6.56 0.79 -1.09
C LYS A 162 -5.16 1.40 -1.32
N ILE A 163 -4.23 0.65 -1.93
CA ILE A 163 -2.85 1.12 -2.18
C ILE A 163 -2.75 2.17 -3.32
N THR A 164 -2.19 3.34 -3.04
CA THR A 164 -2.07 4.42 -4.03
C THR A 164 -0.57 4.86 -4.23
N ASP A 165 -0.34 5.98 -5.00
CA ASP A 165 0.95 6.62 -5.21
C ASP A 165 2.04 5.61 -5.65
N PHE A 166 1.82 4.91 -6.78
CA PHE A 166 2.73 3.91 -7.33
C PHE A 166 4.16 4.46 -7.45
N GLY A 167 4.32 5.52 -8.28
CA GLY A 167 5.53 6.31 -8.47
C GLY A 167 6.73 5.62 -9.08
N LEU A 168 7.05 4.43 -8.59
CA LEU A 168 8.20 3.65 -9.06
C LEU A 168 7.82 2.20 -9.41
N ALA A 169 6.54 1.94 -9.69
CA ALA A 169 6.07 0.62 -10.02
C ALA A 169 6.70 0.09 -11.31
N LYS A 170 7.55 -0.95 -11.23
CA LYS A 170 8.23 -1.47 -12.41
C LYS A 170 7.73 -2.85 -12.85
N LEU A 171 7.32 -2.96 -14.13
CA LEU A 171 6.82 -4.21 -14.71
C LEU A 171 7.97 -5.16 -15.06
N LEU A 172 7.77 -6.48 -14.88
CA LEU A 172 8.81 -7.47 -15.17
C LEU A 172 8.43 -8.44 -16.30
N GLY A 173 9.40 -8.75 -17.15
CA GLY A 173 9.23 -9.68 -18.26
C GLY A 173 9.08 -11.12 -17.81
N ALA A 174 8.67 -12.01 -18.74
CA ALA A 174 8.44 -13.43 -18.51
C ALA A 174 9.62 -14.18 -17.92
N GLU A 175 10.84 -13.86 -18.38
CA GLU A 175 12.07 -14.48 -17.88
C GLU A 175 12.91 -13.43 -17.12
N GLU A 176 12.24 -12.58 -16.32
CA GLU A 176 12.85 -11.50 -15.56
C GLU A 176 12.28 -11.43 -14.13
N LYS A 177 13.17 -11.42 -13.09
CA LYS A 177 12.79 -11.39 -11.66
C LYS A 177 13.74 -10.46 -10.85
N GLU A 178 14.24 -9.37 -11.46
CA GLU A 178 15.19 -8.47 -10.80
C GLU A 178 15.07 -7.02 -11.35
N TYR A 179 15.66 -6.02 -10.66
CA TYR A 179 15.64 -4.64 -11.14
C TYR A 179 16.91 -3.83 -10.78
N HIS A 180 17.48 -3.13 -11.78
CA HIS A 180 18.66 -2.29 -11.58
C HIS A 180 18.20 -0.83 -11.45
N ALA A 181 18.54 -0.16 -10.33
CA ALA A 181 18.13 1.23 -10.10
C ALA A 181 19.30 2.25 -10.19
N GLU A 182 19.00 3.56 -10.33
CA GLU A 182 20.02 4.60 -10.42
C GLU A 182 20.01 5.55 -9.21
N GLY A 183 19.60 5.05 -8.05
CA GLY A 183 19.54 5.84 -6.81
C GLY A 183 18.29 6.69 -6.70
N GLY A 184 18.48 8.00 -6.58
CA GLY A 184 17.38 8.95 -6.49
C GLY A 184 17.16 9.58 -5.13
N LYS A 185 15.89 9.57 -4.67
CA LYS A 185 15.47 10.12 -3.37
C LYS A 185 14.52 9.15 -2.62
N VAL A 186 14.67 7.83 -2.86
CA VAL A 186 13.86 6.76 -2.24
C VAL A 186 14.10 6.66 -0.73
N PRO A 187 13.02 6.52 0.08
CA PRO A 187 13.22 6.45 1.54
C PRO A 187 14.02 5.23 2.00
N ILE A 188 15.23 5.46 2.53
CA ILE A 188 16.12 4.38 2.97
C ILE A 188 15.57 3.61 4.18
N LYS A 189 14.77 4.28 5.03
CA LYS A 189 14.19 3.68 6.23
C LYS A 189 13.36 2.43 5.88
N TRP A 190 12.54 2.53 4.82
CA TRP A 190 11.72 1.42 4.35
C TRP A 190 12.42 0.49 3.38
N MET A 191 13.68 0.76 3.05
CA MET A 191 14.39 -0.01 2.05
C MET A 191 15.08 -1.24 2.56
N ALA A 192 14.81 -2.35 1.88
CA ALA A 192 15.43 -3.65 2.09
C ALA A 192 16.94 -3.53 1.86
N LEU A 193 17.75 -4.31 2.58
CA LEU A 193 19.20 -4.22 2.47
C LEU A 193 19.75 -4.29 1.03
N GLU A 194 19.20 -5.17 0.16
CA GLU A 194 19.68 -5.30 -1.23
C GLU A 194 19.52 -3.99 -2.01
N SER A 195 18.36 -3.33 -1.87
CA SER A 195 18.05 -2.07 -2.54
C SER A 195 19.07 -0.98 -2.21
N ILE A 196 19.57 -0.98 -0.98
CA ILE A 196 20.54 0.00 -0.51
C ILE A 196 21.93 -0.35 -1.02
N LEU A 197 22.32 -1.62 -0.92
CA LEU A 197 23.64 -2.06 -1.36
C LEU A 197 23.75 -2.06 -2.88
N HIS A 198 23.58 -3.23 -3.54
CA HIS A 198 23.69 -3.37 -4.99
C HIS A 198 22.38 -3.12 -5.71
N ARG A 199 21.62 -2.13 -5.21
CA ARG A 199 20.34 -1.62 -5.70
C ARG A 199 19.40 -2.65 -6.37
N ILE A 200 19.18 -3.81 -5.73
CA ILE A 200 18.24 -4.82 -6.28
C ILE A 200 16.83 -4.60 -5.70
N TYR A 201 15.81 -4.71 -6.56
CA TYR A 201 14.42 -4.56 -6.13
C TYR A 201 13.62 -5.73 -6.67
N THR A 202 13.14 -6.59 -5.76
CA THR A 202 12.29 -7.71 -6.12
C THR A 202 10.96 -7.60 -5.32
N HIS A 203 10.04 -8.58 -5.47
CA HIS A 203 8.79 -8.60 -4.71
C HIS A 203 9.12 -8.79 -3.21
N GLN A 204 10.16 -9.60 -2.91
CA GLN A 204 10.69 -9.85 -1.57
C GLN A 204 11.22 -8.57 -0.91
N SER A 205 11.73 -7.62 -1.70
CA SER A 205 12.18 -6.31 -1.17
C SER A 205 10.98 -5.42 -0.77
N ASP A 206 9.81 -5.65 -1.37
CA ASP A 206 8.58 -4.96 -0.99
C ASP A 206 8.05 -5.51 0.35
N VAL A 207 8.37 -6.79 0.67
CA VAL A 207 7.99 -7.44 1.90
C VAL A 207 8.70 -6.76 3.06
N TRP A 208 9.97 -6.36 2.91
CA TRP A 208 10.69 -5.61 3.95
C TRP A 208 9.97 -4.31 4.26
N SER A 209 9.48 -3.63 3.21
CA SER A 209 8.70 -2.40 3.31
C SER A 209 7.33 -2.66 3.91
N TYR A 210 6.78 -3.86 3.71
CA TYR A 210 5.51 -4.30 4.32
C TYR A 210 5.74 -4.47 5.84
N GLY A 211 6.91 -5.00 6.21
CA GLY A 211 7.33 -5.17 7.60
C GLY A 211 7.42 -3.83 8.30
N VAL A 212 7.88 -2.79 7.59
CA VAL A 212 7.97 -1.43 8.13
C VAL A 212 6.58 -0.77 8.14
N THR A 213 5.76 -1.03 7.12
CA THR A 213 4.41 -0.50 6.96
C THR A 213 3.53 -0.90 8.12
N VAL A 214 3.52 -2.21 8.48
CA VAL A 214 2.73 -2.76 9.58
C VAL A 214 3.35 -2.34 10.92
N TRP A 215 4.69 -2.28 11.01
CA TRP A 215 5.42 -1.79 12.20
C TRP A 215 4.96 -0.37 12.52
N GLU A 216 4.75 0.47 11.48
CA GLU A 216 4.30 1.86 11.56
C GLU A 216 2.91 1.92 12.15
N LEU A 217 2.02 1.03 11.68
CA LEU A 217 0.63 0.93 12.10
C LEU A 217 0.48 0.43 13.52
N MET A 218 1.44 -0.38 13.98
CA MET A 218 1.47 -0.94 15.34
C MET A 218 2.02 0.08 16.34
N THR A 219 2.93 0.95 15.89
CA THR A 219 3.47 2.04 16.71
C THR A 219 2.52 3.29 16.65
N PHE A 220 1.37 3.18 15.92
CA PHE A 220 0.35 4.21 15.73
C PHE A 220 0.89 5.50 15.08
N GLY A 221 1.50 5.34 13.92
CA GLY A 221 2.05 6.48 13.17
C GLY A 221 3.38 6.96 13.70
N SER A 222 4.24 6.04 14.14
CA SER A 222 5.54 6.42 14.70
C SER A 222 6.64 6.47 13.64
N LYS A 223 7.76 7.10 13.98
CA LYS A 223 8.86 7.30 13.06
C LYS A 223 9.87 6.15 13.10
N PRO A 224 9.96 5.35 12.03
CA PRO A 224 10.95 4.26 12.02
C PRO A 224 12.36 4.81 11.98
N TYR A 225 13.20 4.40 12.94
CA TYR A 225 14.56 4.90 13.09
C TYR A 225 14.52 6.41 13.37
N ASP A 226 13.79 6.80 14.43
CA ASP A 226 13.65 8.21 14.79
C ASP A 226 14.96 8.79 15.29
N GLY A 227 15.23 10.04 14.92
CA GLY A 227 16.46 10.72 15.29
C GLY A 227 17.68 10.04 14.71
N ILE A 228 17.53 9.47 13.50
CA ILE A 228 18.64 8.78 12.86
C ILE A 228 18.87 9.31 11.46
N PRO A 229 20.12 9.69 11.13
CA PRO A 229 20.42 10.13 9.75
C PRO A 229 20.37 8.93 8.80
N ALA A 230 19.92 9.15 7.58
CA ALA A 230 19.74 8.08 6.61
C ALA A 230 21.02 7.50 6.00
N SER A 231 22.18 7.69 6.63
CA SER A 231 23.44 7.19 6.06
C SER A 231 24.05 5.97 6.80
N GLU A 232 23.58 5.68 8.02
CA GLU A 232 24.14 4.59 8.81
C GLU A 232 23.39 3.27 8.64
N ILE A 233 22.09 3.34 8.32
CA ILE A 233 21.20 2.20 8.11
C ILE A 233 21.83 1.12 7.22
N SER A 234 22.69 1.52 6.27
CA SER A 234 23.38 0.58 5.39
C SER A 234 24.18 -0.47 6.17
N SER A 235 24.93 -0.03 7.19
CA SER A 235 25.70 -0.94 8.02
C SER A 235 25.02 -1.28 9.35
N ILE A 236 24.10 -0.43 9.84
CA ILE A 236 23.35 -0.69 11.08
C ILE A 236 22.52 -1.97 10.95
N LEU A 237 22.00 -2.25 9.75
CA LEU A 237 21.24 -3.46 9.53
C LEU A 237 22.18 -4.65 9.26
N GLU A 238 23.37 -4.41 8.65
CA GLU A 238 24.41 -5.43 8.37
C GLU A 238 24.90 -6.12 9.64
N LYS A 239 24.98 -5.36 10.76
CA LYS A 239 25.37 -5.88 12.08
C LYS A 239 24.27 -6.80 12.66
N GLY A 240 23.02 -6.55 12.32
CA GLY A 240 21.91 -7.36 12.79
C GLY A 240 20.79 -6.59 13.44
N GLU A 241 21.06 -5.35 13.88
CA GLU A 241 20.04 -4.54 14.53
C GLU A 241 18.89 -4.22 13.59
N ARG A 242 17.67 -4.19 14.16
CA ARG A 242 16.46 -3.89 13.43
C ARG A 242 15.57 -2.96 14.26
N LEU A 243 14.36 -2.71 13.77
CA LEU A 243 13.35 -1.94 14.46
C LEU A 243 12.91 -2.75 15.67
N PRO A 244 12.72 -2.09 16.81
CA PRO A 244 12.36 -2.84 18.02
C PRO A 244 10.85 -3.02 18.25
N GLN A 245 10.52 -4.20 18.80
CA GLN A 245 9.19 -4.67 19.18
C GLN A 245 8.18 -3.60 19.62
N PRO A 246 7.10 -3.41 18.85
CA PRO A 246 6.06 -2.47 19.26
C PRO A 246 5.39 -2.88 20.57
N PRO A 247 4.70 -1.96 21.25
CA PRO A 247 4.10 -2.31 22.55
C PRO A 247 2.87 -3.23 22.48
N ILE A 248 1.87 -2.91 21.65
CA ILE A 248 0.68 -3.77 21.54
C ILE A 248 0.97 -5.11 20.82
N CYS A 249 2.22 -5.35 20.46
CA CYS A 249 2.64 -6.51 19.69
C CYS A 249 2.93 -7.76 20.47
N THR A 250 2.02 -8.75 20.37
CA THR A 250 2.29 -10.09 20.91
C THR A 250 3.38 -10.72 20.04
N ILE A 251 4.12 -11.66 20.60
CA ILE A 251 5.19 -12.34 19.88
C ILE A 251 4.70 -12.99 18.55
N ASP A 252 3.39 -13.24 18.42
CA ASP A 252 2.78 -13.77 17.21
C ASP A 252 2.86 -12.71 16.06
N VAL A 253 2.31 -11.50 16.32
CA VAL A 253 2.24 -10.37 15.41
C VAL A 253 3.62 -9.78 15.14
N TYR A 254 4.47 -9.73 16.17
CA TYR A 254 5.79 -9.16 15.99
C TYR A 254 6.70 -10.06 15.15
N MET A 255 6.79 -11.37 15.44
CA MET A 255 7.70 -12.25 14.67
C MET A 255 7.45 -12.29 13.17
N ILE A 256 6.28 -11.81 12.72
CA ILE A 256 5.99 -11.74 11.29
C ILE A 256 6.85 -10.64 10.69
N MET A 257 6.87 -9.46 11.35
CA MET A 257 7.66 -8.30 10.94
C MET A 257 9.15 -8.57 10.99
N VAL A 258 9.59 -9.40 11.92
CA VAL A 258 11.02 -9.72 12.03
C VAL A 258 11.40 -10.62 10.87
N LYS A 259 10.56 -11.62 10.58
CA LYS A 259 10.83 -12.57 9.50
C LYS A 259 10.72 -11.92 8.10
N CYS A 260 10.10 -10.74 8.00
CA CYS A 260 10.08 -9.97 6.77
C CYS A 260 11.43 -9.25 6.52
N TRP A 261 12.28 -9.12 7.56
CA TRP A 261 13.58 -8.48 7.52
C TRP A 261 14.75 -9.44 7.50
N MET A 262 14.53 -10.69 7.08
CA MET A 262 15.62 -11.67 6.97
C MET A 262 16.47 -11.25 5.79
N ILE A 263 17.77 -11.07 6.02
CA ILE A 263 18.70 -10.65 4.97
C ILE A 263 18.64 -11.58 3.72
N ASP A 264 18.63 -12.91 3.90
CA ASP A 264 18.48 -13.82 2.76
C ASP A 264 17.04 -13.71 2.30
N ALA A 265 16.80 -12.96 1.19
CA ALA A 265 15.49 -12.64 0.61
C ALA A 265 14.49 -13.78 0.52
N ASP A 266 14.97 -15.02 0.40
CA ASP A 266 14.07 -16.18 0.32
C ASP A 266 13.41 -16.50 1.66
N SER A 267 14.07 -16.15 2.78
CA SER A 267 13.53 -16.41 4.12
C SER A 267 12.33 -15.50 4.48
N ARG A 268 12.18 -14.35 3.78
CA ARG A 268 11.03 -13.49 4.03
C ARG A 268 9.78 -14.16 3.45
N PRO A 269 8.59 -13.93 4.05
CA PRO A 269 7.37 -14.55 3.51
C PRO A 269 6.82 -13.90 2.23
N LYS A 270 6.12 -14.70 1.40
CA LYS A 270 5.46 -14.26 0.16
C LYS A 270 4.10 -13.64 0.57
N PHE A 271 3.66 -12.55 -0.10
CA PHE A 271 2.42 -11.85 0.25
C PHE A 271 1.19 -12.75 0.34
N ARG A 272 1.20 -13.94 -0.27
CA ARG A 272 0.07 -14.86 -0.19
C ARG A 272 0.03 -15.55 1.20
N GLU A 273 1.20 -15.75 1.80
CA GLU A 273 1.37 -16.32 3.13
C GLU A 273 1.03 -15.26 4.18
N LEU A 274 1.32 -13.99 3.92
CA LEU A 274 0.97 -12.89 4.82
C LEU A 274 -0.52 -12.74 4.92
N ILE A 275 -1.27 -12.97 3.83
CA ILE A 275 -2.74 -12.86 3.82
C ILE A 275 -3.31 -13.91 4.77
N ILE A 276 -2.74 -15.13 4.71
CA ILE A 276 -3.11 -16.28 5.52
C ILE A 276 -2.79 -16.07 6.99
N GLU A 277 -1.54 -15.73 7.31
CA GLU A 277 -1.06 -15.46 8.66
C GLU A 277 -1.89 -14.41 9.39
N PHE A 278 -2.36 -13.36 8.70
CA PHE A 278 -3.14 -12.31 9.33
C PHE A 278 -4.64 -12.60 9.33
N SER A 279 -5.13 -13.36 8.33
CA SER A 279 -6.55 -13.67 8.21
C SER A 279 -7.02 -14.54 9.35
N LYS A 280 -6.12 -15.45 9.85
CA LYS A 280 -6.37 -16.34 10.99
C LYS A 280 -6.67 -15.44 12.20
N MET A 281 -5.71 -14.53 12.52
CA MET A 281 -5.83 -13.56 13.60
C MET A 281 -7.11 -12.72 13.53
N ALA A 282 -7.52 -12.27 12.34
CA ALA A 282 -8.74 -11.47 12.18
C ALA A 282 -10.07 -12.18 12.59
N ARG A 283 -9.98 -13.47 12.88
CA ARG A 283 -11.11 -14.24 13.36
C ARG A 283 -11.22 -14.17 14.89
N ASP A 284 -10.11 -13.87 15.59
CA ASP A 284 -9.99 -13.72 17.04
C ASP A 284 -8.88 -12.70 17.25
N PRO A 285 -9.19 -11.39 17.18
CA PRO A 285 -8.11 -10.38 17.23
C PRO A 285 -7.56 -10.04 18.61
N GLN A 286 -8.31 -10.45 19.63
CA GLN A 286 -8.04 -10.23 21.04
C GLN A 286 -6.75 -10.95 21.46
N ARG A 287 -6.60 -12.19 20.99
CA ARG A 287 -5.47 -13.09 21.29
C ARG A 287 -4.14 -12.66 20.65
N TYR A 288 -4.20 -11.75 19.67
CA TYR A 288 -2.98 -11.36 18.96
C TYR A 288 -2.59 -9.88 19.16
N LEU A 289 -3.58 -8.97 19.38
CA LEU A 289 -3.23 -7.57 19.63
C LEU A 289 -3.65 -7.10 21.00
N VAL A 290 -2.66 -6.67 21.82
CA VAL A 290 -2.90 -6.21 23.19
C VAL A 290 -3.15 -4.71 23.25
N ILE A 291 -4.40 -4.30 23.01
CA ILE A 291 -4.73 -2.88 23.04
C ILE A 291 -5.56 -2.51 24.28
N GLN A 292 -5.01 -1.60 25.11
CA GLN A 292 -5.66 -1.14 26.33
C GLN A 292 -7.00 -0.47 26.03
N GLY A 293 -8.08 -1.20 26.25
CA GLY A 293 -9.42 -0.71 25.98
C GLY A 293 -9.97 -1.17 24.65
N ASP A 294 -9.37 -2.23 24.07
CA ASP A 294 -9.63 -2.90 22.79
C ASP A 294 -11.10 -2.91 22.33
N GLU A 295 -11.96 -3.55 23.13
CA GLU A 295 -13.38 -3.75 22.89
C GLU A 295 -14.18 -2.46 23.10
N ARG A 296 -13.66 -1.49 23.89
CA ARG A 296 -14.33 -0.20 24.12
C ARG A 296 -13.95 0.87 23.06
N MET A 297 -13.14 0.50 22.04
CA MET A 297 -12.74 1.40 20.95
C MET A 297 -13.59 1.12 19.72
N HIS A 298 -13.92 2.17 18.96
CA HIS A 298 -14.76 2.04 17.76
C HIS A 298 -14.40 3.11 16.67
N LEU A 299 -14.63 2.78 15.37
CA LEU A 299 -14.42 3.65 14.20
C LEU A 299 -15.56 3.44 13.17
N PRO A 300 -16.18 4.52 12.67
CA PRO A 300 -17.27 4.37 11.68
C PRO A 300 -16.91 3.65 10.38
N LEU A 311 -18.50 -15.93 17.62
CA LEU A 311 -19.01 -16.21 16.29
C LEU A 311 -18.23 -17.37 15.64
N MET A 312 -18.14 -18.52 16.35
CA MET A 312 -17.42 -19.72 15.88
C MET A 312 -18.34 -20.96 15.72
N ASP A 313 -17.82 -22.05 15.09
CA ASP A 313 -18.61 -23.27 14.88
C ASP A 313 -17.80 -24.59 14.94
N GLU A 314 -16.53 -24.57 15.42
CA GLU A 314 -15.73 -25.80 15.53
C GLU A 314 -14.73 -25.81 16.73
N GLU A 315 -14.27 -27.01 17.14
CA GLU A 315 -13.37 -27.20 18.30
C GLU A 315 -11.90 -26.74 18.08
N ASP A 316 -11.12 -27.42 17.21
CA ASP A 316 -9.74 -26.99 16.96
C ASP A 316 -9.73 -25.98 15.83
N MET A 317 -10.54 -24.94 16.01
CA MET A 317 -10.62 -23.85 15.07
C MET A 317 -9.40 -23.00 15.43
N ASP A 318 -8.21 -23.36 14.94
CA ASP A 318 -6.99 -22.62 15.28
C ASP A 318 -6.29 -22.13 14.01
N ASP A 319 -5.88 -23.07 13.13
CA ASP A 319 -5.24 -22.69 11.88
C ASP A 319 -6.25 -22.58 10.71
N VAL A 320 -7.56 -22.49 11.02
CA VAL A 320 -8.65 -22.38 10.07
C VAL A 320 -8.61 -21.07 9.30
N VAL A 321 -8.58 -21.17 7.97
CA VAL A 321 -8.58 -20.02 7.05
C VAL A 321 -9.73 -20.24 6.05
N ASP A 322 -10.43 -19.17 5.65
CA ASP A 322 -11.50 -19.27 4.65
C ASP A 322 -10.86 -19.45 3.25
N ALA A 323 -11.60 -20.05 2.29
CA ALA A 323 -11.05 -20.33 0.97
C ALA A 323 -10.83 -19.10 0.08
N ASP A 324 -11.59 -18.01 0.32
CA ASP A 324 -11.42 -16.75 -0.41
C ASP A 324 -10.03 -16.19 -0.19
N GLU A 325 -9.40 -16.44 0.98
CA GLU A 325 -8.06 -15.95 1.30
C GLU A 325 -6.96 -17.01 1.10
N TYR A 326 -7.25 -18.10 0.37
CA TYR A 326 -6.24 -19.14 0.11
C TYR A 326 -5.88 -19.19 -1.39
N LEU A 327 -4.68 -18.66 -1.73
CA LEU A 327 -4.19 -18.53 -3.11
C LEU A 327 -2.76 -19.06 -3.37
N ILE A 328 -2.60 -20.37 -3.63
CA ILE A 328 -1.28 -20.95 -3.90
C ILE A 328 -0.98 -21.11 -5.41
C1 2I6 B . -3.37 9.86 -8.62
C2 2I6 B . -4.39 10.57 -9.23
C3 2I6 B . -5.21 11.38 -8.45
C7 2I6 B . -3.54 11.12 -5.11
C8 2I6 B . -3.17 11.22 -2.93
C9 2I6 B . -4.18 11.01 -3.88
C10 2I6 B . -5.64 10.85 -3.63
C11 2I6 B . -7.61 9.84 -4.12
C12 2I6 B . -7.63 11.24 -2.35
C13 2I6 B . -8.28 11.72 -1.19
C14 2I6 B . -7.59 12.43 -0.25
C15 2I6 B . -9.50 12.93 1.12
C16 2I6 B . -6.23 12.74 -0.46
C19 2I6 B . -3.33 12.50 0.33
C20 2I6 B . -1.28 12.60 1.88
C21 2I6 B . -0.98 11.12 1.84
C22 2I6 B . -0.71 10.54 3.25
C24 2I6 B . -6.27 11.53 -2.54
O3 2I6 B . -0.46 13.40 2.30
N4 2I6 B . -2.50 12.97 1.43
C18 2I6 B . -3.51 13.95 1.86
C17 2I6 B . -4.53 12.89 1.27
O2 2I6 B . -5.62 13.48 0.53
O1 2I6 B . -8.08 12.81 0.97
C23 2I6 B . -5.59 12.32 -1.59
N3 2I6 B . -8.33 10.39 -3.16
N2 2I6 B . -6.30 10.01 -4.40
N1 2I6 B . -2.00 11.49 -3.51
N 2I6 B . -2.26 11.43 -4.84
C5 2I6 B . -3.96 10.80 -6.49
C4 2I6 B . -5.00 11.49 -7.09
C6 2I6 B . -3.16 9.94 -7.26
O 2I6 B . -2.49 9.04 -9.30
C 2I6 B . -2.17 9.37 -10.65
#